data_1S0U
#
_entry.id   1S0U
#
_cell.length_a   52.842
_cell.length_b   52.490
_cell.length_c   74.134
_cell.angle_alpha   90.00
_cell.angle_beta   92.53
_cell.angle_gamma   90.00
#
_symmetry.space_group_name_H-M   'P 1 21 1'
#
loop_
_entity.id
_entity.type
_entity.pdbx_description
1 polymer 'Translation initiation factor 2 gamma subunit'
2 non-polymer 'ZINC ION'
3 water water
#
_entity_poly.entity_id   1
_entity_poly.type   'polypeptide(L)'
_entity_poly.pdbx_seq_one_letter_code
;GPLGSQAEVNIGMVGHVDHGKTSLTKALTGVWTDRHSEELRRGISIRLGYADCEIRKCPQCGTYTTKPRCPNCLAETEFL
RRVSFVDSPGHETLMATMLSGASLMDGAILVIAANEPCPQPQTKEHLMALEILGIDKIIIVQNKIDLVDEKQAEENYEQI
KEFVKGTIAENAPIIPISAHHEANIDVLLKAIQDFIPTPKRDPDATPRMYVARSFDINKPGTEIKDLKGGVLGGAIIQGV
FKVGDEIEIRPGIKVTEGNKTFWKPLTTKIVSLAAGNTILRKAHPGGLIGVGTTLDPYLTKSDALTGSVVGLPGTLPPIR
EKITIRANLLDRVVGTKEELKIEPLRTGEVLMLNIGTATTAGVITSARGDIADIKLKLPICAEIGDRVAISRRVGSRWRL
IGYGTIEG
;
_entity_poly.pdbx_strand_id   A
#
# COMPACT_ATOMS: atom_id res chain seq x y z
N SER A 5 3.03 4.27 20.83
CA SER A 5 3.83 3.86 19.64
C SER A 5 2.96 3.52 18.41
N GLN A 6 3.38 4.06 17.27
CA GLN A 6 2.69 3.82 16.02
C GLN A 6 3.40 2.66 15.32
N ALA A 7 2.92 2.28 14.15
CA ALA A 7 3.54 1.18 13.41
C ALA A 7 4.85 1.71 12.82
N GLU A 8 5.92 0.95 13.01
CA GLU A 8 7.23 1.34 12.51
C GLU A 8 7.52 0.84 11.10
N VAL A 9 6.75 -0.11 10.60
CA VAL A 9 6.98 -0.65 9.26
C VAL A 9 5.71 -1.11 8.52
N ASN A 10 5.75 -1.00 7.20
CA ASN A 10 4.66 -1.47 6.36
C ASN A 10 5.11 -2.81 5.77
N ILE A 11 4.30 -3.84 5.98
CA ILE A 11 4.62 -5.17 5.49
C ILE A 11 3.50 -5.69 4.58
N GLY A 12 3.86 -6.01 3.34
CA GLY A 12 2.85 -6.48 2.43
C GLY A 12 2.55 -7.96 2.60
N MET A 13 1.26 -8.30 2.56
CA MET A 13 0.83 -9.67 2.65
C MET A 13 0.49 -10.01 1.20
N VAL A 14 1.35 -10.81 0.57
CA VAL A 14 1.15 -11.20 -0.84
C VAL A 14 1.09 -12.69 -1.06
N GLY A 15 0.70 -13.08 -2.26
CA GLY A 15 0.56 -14.49 -2.59
C GLY A 15 -0.86 -14.67 -3.10
N HIS A 16 -1.14 -15.83 -3.70
CA HIS A 16 -2.47 -16.11 -4.23
C HIS A 16 -3.54 -15.85 -3.17
N VAL A 17 -4.66 -15.28 -3.59
CA VAL A 17 -5.74 -14.95 -2.66
C VAL A 17 -6.34 -16.12 -1.87
N ASP A 18 -6.03 -17.35 -2.25
CA ASP A 18 -6.59 -18.48 -1.53
C ASP A 18 -5.57 -19.31 -0.76
N HIS A 19 -4.30 -18.92 -0.83
CA HIS A 19 -3.27 -19.69 -0.14
C HIS A 19 -3.17 -19.47 1.35
N GLY A 20 -3.89 -18.47 1.86
CA GLY A 20 -3.90 -18.28 3.30
C GLY A 20 -3.46 -16.96 3.91
N LYS A 21 -3.11 -15.99 3.10
CA LYS A 21 -2.67 -14.71 3.66
C LYS A 21 -3.81 -14.01 4.40
N THR A 22 -5.05 -14.24 3.98
CA THR A 22 -6.21 -13.60 4.60
C THR A 22 -6.47 -14.07 6.03
N SER A 23 -6.37 -15.37 6.30
CA SER A 23 -6.58 -15.87 7.66
C SER A 23 -5.38 -15.50 8.51
N LEU A 24 -4.19 -15.55 7.92
CA LEU A 24 -2.96 -15.22 8.62
C LEU A 24 -3.01 -13.76 9.10
N THR A 25 -3.62 -12.89 8.30
CA THR A 25 -3.73 -11.49 8.69
C THR A 25 -4.63 -11.35 9.92
N LYS A 26 -5.74 -12.08 9.91
CA LYS A 26 -6.67 -12.05 11.03
C LYS A 26 -5.99 -12.53 12.30
N ALA A 27 -5.29 -13.66 12.23
CA ALA A 27 -4.63 -14.20 13.42
C ALA A 27 -3.62 -13.25 14.08
N LEU A 28 -2.87 -12.50 13.26
CA LEU A 28 -1.89 -11.60 13.84
C LEU A 28 -2.42 -10.22 14.24
N THR A 29 -3.60 -9.85 13.72
CA THR A 29 -4.13 -8.53 14.02
C THR A 29 -5.57 -8.44 14.51
N GLY A 30 -6.32 -9.53 14.45
CA GLY A 30 -7.70 -9.49 14.87
C GLY A 30 -8.54 -8.72 13.86
N VAL A 31 -7.94 -8.37 12.73
CA VAL A 31 -8.63 -7.61 11.69
C VAL A 31 -9.02 -8.47 10.47
N TRP A 32 -10.31 -8.46 10.14
CA TRP A 32 -10.82 -9.18 9.00
C TRP A 32 -10.44 -8.39 7.74
N THR A 33 -9.55 -8.97 6.93
CA THR A 33 -9.04 -8.34 5.73
C THR A 33 -10.08 -7.89 4.70
N ASP A 34 -11.35 -8.12 5.01
CA ASP A 34 -12.43 -7.72 4.12
C ASP A 34 -12.63 -8.69 2.97
N ARG A 42 -15.26 -1.28 -13.48
CA ARG A 42 -15.34 0.17 -13.41
C ARG A 42 -14.01 0.84 -13.04
N GLY A 43 -12.90 0.22 -13.42
CA GLY A 43 -11.62 0.82 -13.11
C GLY A 43 -10.85 0.14 -11.99
N ILE A 44 -9.53 0.19 -12.10
CA ILE A 44 -8.64 -0.42 -11.12
C ILE A 44 -8.15 0.64 -10.14
N SER A 45 -8.95 0.99 -9.15
CA SER A 45 -8.56 2.03 -8.18
C SER A 45 -7.59 1.55 -7.13
N ILE A 46 -7.10 2.52 -6.36
CA ILE A 46 -6.18 2.24 -5.28
C ILE A 46 -7.01 2.22 -4.00
N ARG A 47 -7.01 1.06 -3.36
CA ARG A 47 -7.75 0.86 -2.13
C ARG A 47 -6.83 0.13 -1.15
N LEU A 48 -6.22 0.91 -0.26
CA LEU A 48 -5.31 0.36 0.72
C LEU A 48 -6.03 -0.30 1.87
N GLY A 49 -5.52 -1.47 2.28
CA GLY A 49 -6.08 -2.17 3.41
C GLY A 49 -4.97 -2.28 4.45
N TYR A 50 -5.19 -1.72 5.63
CA TYR A 50 -4.22 -1.75 6.71
C TYR A 50 -4.66 -2.61 7.88
N ALA A 51 -3.69 -3.24 8.56
CA ALA A 51 -3.97 -4.09 9.71
C ALA A 51 -2.73 -4.09 10.61
N ASP A 52 -2.89 -3.55 11.81
CA ASP A 52 -1.81 -3.42 12.79
C ASP A 52 -1.61 -4.59 13.75
N CYS A 53 -0.34 -4.88 14.00
CA CYS A 53 0.04 -5.97 14.88
C CYS A 53 1.12 -5.55 15.86
N GLU A 54 0.82 -5.62 17.15
CA GLU A 54 1.78 -5.24 18.19
C GLU A 54 2.52 -6.50 18.68
N ILE A 55 3.81 -6.56 18.39
CA ILE A 55 4.60 -7.71 18.80
C ILE A 55 5.07 -7.54 20.24
N ARG A 56 4.69 -8.50 21.08
CA ARG A 56 5.08 -8.51 22.48
C ARG A 56 5.83 -9.80 22.79
N LYS A 57 6.50 -9.81 23.93
CA LYS A 57 7.26 -10.98 24.32
C LYS A 57 7.13 -11.16 25.81
N CYS A 58 7.40 -12.35 26.29
CA CYS A 58 7.30 -12.60 27.71
C CYS A 58 8.67 -12.72 28.35
N PRO A 59 8.94 -11.89 29.36
CA PRO A 59 10.24 -12.00 30.02
C PRO A 59 10.64 -13.44 30.42
N GLN A 60 9.69 -14.23 30.91
CA GLN A 60 9.93 -15.61 31.37
C GLN A 60 10.29 -16.69 30.36
N CYS A 61 9.22 -17.14 29.67
CA CYS A 61 9.24 -18.22 28.70
C CYS A 61 9.77 -17.75 27.30
N GLY A 62 9.86 -16.42 27.17
CA GLY A 62 10.35 -15.78 25.96
C GLY A 62 9.48 -16.02 24.75
N THR A 63 8.23 -16.41 24.97
CA THR A 63 7.33 -16.66 23.85
C THR A 63 6.94 -15.32 23.23
N TYR A 64 6.71 -15.32 21.93
CA TYR A 64 6.30 -14.10 21.24
C TYR A 64 4.81 -14.13 21.05
N THR A 65 4.15 -12.99 21.29
CA THR A 65 2.71 -12.94 21.16
C THR A 65 2.17 -11.52 21.02
N THR A 66 0.87 -11.44 20.71
CA THR A 66 0.17 -10.17 20.57
C THR A 66 -0.67 -9.93 21.83
N LYS A 67 -0.76 -10.96 22.67
CA LYS A 67 -1.57 -10.89 23.89
C LYS A 67 -0.91 -10.22 25.11
N PRO A 68 -1.70 -9.43 25.84
CA PRO A 68 -1.22 -8.75 27.05
C PRO A 68 -0.58 -9.66 28.11
N ARG A 69 -1.08 -10.92 28.20
CA ARG A 69 -0.59 -11.93 29.17
C ARG A 69 -0.23 -13.25 28.48
N CYS A 70 0.81 -13.93 28.97
CA CYS A 70 1.30 -15.16 28.37
C CYS A 70 0.47 -16.44 28.26
N PRO A 71 0.34 -16.87 27.01
CA PRO A 71 -0.26 -17.99 26.26
C PRO A 71 0.18 -19.28 26.93
N ASN A 72 1.42 -19.29 27.41
CA ASN A 72 1.96 -20.48 28.07
C ASN A 72 2.46 -20.29 29.54
N CYS A 73 2.26 -19.10 30.11
CA CYS A 73 2.65 -18.77 31.49
C CYS A 73 1.77 -17.47 31.61
N LEU A 74 0.74 -17.35 32.44
CA LEU A 74 -0.04 -16.10 32.30
C LEU A 74 0.56 -14.77 32.81
N ALA A 75 1.79 -14.55 32.39
CA ALA A 75 2.62 -13.39 32.74
C ALA A 75 2.55 -12.16 31.82
N GLU A 76 2.65 -10.96 32.43
CA GLU A 76 2.60 -9.71 31.68
C GLU A 76 3.67 -9.60 30.61
N THR A 77 3.25 -9.57 29.34
CA THR A 77 4.20 -9.49 28.25
C THR A 77 4.73 -8.09 28.07
N GLU A 78 5.79 -7.97 27.31
CA GLU A 78 6.40 -6.68 27.11
C GLU A 78 6.26 -6.21 25.66
N PHE A 79 6.13 -4.89 25.46
CA PHE A 79 5.99 -4.33 24.13
C PHE A 79 7.34 -4.25 23.43
N LEU A 80 7.37 -4.60 22.19
CA LEU A 80 8.61 -4.55 21.43
C LEU A 80 8.54 -3.59 20.26
N ARG A 81 7.59 -3.85 19.34
CA ARG A 81 7.41 -3.01 18.16
C ARG A 81 6.03 -3.20 17.53
N ARG A 82 5.53 -2.16 16.88
CA ARG A 82 4.23 -2.22 16.23
C ARG A 82 4.46 -2.22 14.73
N VAL A 83 3.78 -3.13 14.03
CA VAL A 83 3.92 -3.21 12.59
C VAL A 83 2.54 -3.10 11.96
N SER A 84 2.51 -2.85 10.65
CA SER A 84 1.26 -2.74 9.91
C SER A 84 1.29 -3.56 8.63
N PHE A 85 0.28 -4.40 8.43
CA PHE A 85 0.22 -5.20 7.20
C PHE A 85 -0.64 -4.48 6.20
N VAL A 86 -0.22 -4.55 4.94
CA VAL A 86 -0.91 -3.89 3.83
C VAL A 86 -1.44 -4.93 2.84
N ASP A 87 -2.73 -4.85 2.53
CA ASP A 87 -3.37 -5.75 1.59
C ASP A 87 -4.29 -4.95 0.70
N SER A 88 -4.74 -5.57 -0.39
CA SER A 88 -5.67 -4.93 -1.32
C SER A 88 -6.84 -5.85 -1.57
N PRO A 89 -7.99 -5.28 -1.96
CA PRO A 89 -9.22 -6.04 -2.24
C PRO A 89 -9.00 -7.25 -3.14
N GLY A 90 -8.26 -7.05 -4.23
CA GLY A 90 -8.00 -8.15 -5.15
C GLY A 90 -6.61 -8.13 -5.76
N HIS A 91 -6.34 -9.13 -6.59
CA HIS A 91 -5.06 -9.30 -7.26
C HIS A 91 -4.59 -8.10 -8.12
N GLU A 92 -5.43 -7.66 -9.05
CA GLU A 92 -5.11 -6.54 -9.94
C GLU A 92 -4.85 -5.29 -9.14
N THR A 93 -5.72 -5.03 -8.16
CA THR A 93 -5.61 -3.85 -7.34
C THR A 93 -4.35 -3.84 -6.49
N LEU A 94 -3.98 -5.00 -5.95
CA LEU A 94 -2.79 -5.12 -5.12
C LEU A 94 -1.53 -4.88 -5.93
N MET A 95 -1.52 -5.40 -7.16
CA MET A 95 -0.39 -5.23 -8.06
C MET A 95 -0.23 -3.76 -8.41
N ALA A 96 -1.36 -3.12 -8.77
CA ALA A 96 -1.39 -1.70 -9.11
C ALA A 96 -0.97 -0.83 -7.92
N THR A 97 -1.40 -1.22 -6.72
CA THR A 97 -1.10 -0.48 -5.50
C THR A 97 0.40 -0.47 -5.18
N MET A 98 1.08 -1.54 -5.54
CA MET A 98 2.51 -1.65 -5.32
C MET A 98 3.27 -0.87 -6.41
N LEU A 99 2.89 -1.08 -7.66
CA LEU A 99 3.58 -0.44 -8.78
C LEU A 99 3.41 1.08 -8.88
N SER A 100 2.39 1.60 -8.20
CA SER A 100 2.12 3.04 -8.19
C SER A 100 2.87 3.72 -7.06
N GLY A 101 3.37 2.92 -6.12
CA GLY A 101 4.09 3.45 -4.97
C GLY A 101 3.17 3.76 -3.79
N ALA A 102 1.88 3.51 -3.97
CA ALA A 102 0.87 3.77 -2.95
C ALA A 102 1.16 2.94 -1.70
N SER A 103 1.58 1.71 -1.91
CA SER A 103 1.92 0.88 -0.78
C SER A 103 3.30 1.43 -0.51
N LEU A 104 3.71 1.54 0.74
CA LEU A 104 5.04 2.08 0.98
C LEU A 104 5.79 0.99 1.72
N MET A 105 5.82 -0.18 1.09
CA MET A 105 6.44 -1.38 1.64
C MET A 105 7.91 -1.29 2.00
N ASP A 106 8.22 -1.88 3.16
CA ASP A 106 9.58 -1.94 3.70
C ASP A 106 9.95 -3.41 3.69
N GLY A 107 8.92 -4.25 3.65
CA GLY A 107 9.12 -5.68 3.62
C GLY A 107 7.83 -6.38 3.24
N ALA A 108 7.85 -7.70 3.26
CA ALA A 108 6.66 -8.42 2.89
C ALA A 108 6.68 -9.90 3.26
N ILE A 109 5.48 -10.46 3.32
CA ILE A 109 5.30 -11.87 3.63
C ILE A 109 4.57 -12.47 2.41
N LEU A 110 5.24 -13.42 1.76
CA LEU A 110 4.69 -14.07 0.58
C LEU A 110 4.16 -15.44 1.00
N VAL A 111 2.84 -15.58 1.01
CA VAL A 111 2.20 -16.82 1.43
C VAL A 111 1.99 -17.80 0.27
N ILE A 112 2.52 -19.01 0.44
CA ILE A 112 2.43 -20.05 -0.60
C ILE A 112 1.85 -21.35 -0.05
N ALA A 113 0.72 -21.79 -0.61
CA ALA A 113 0.09 -23.03 -0.16
C ALA A 113 0.87 -24.24 -0.66
N ALA A 114 0.91 -25.29 0.15
CA ALA A 114 1.65 -26.50 -0.20
C ALA A 114 0.79 -27.46 -1.03
N ASN A 115 -0.52 -27.32 -0.94
CA ASN A 115 -1.42 -28.21 -1.67
C ASN A 115 -1.62 -27.85 -3.15
N GLU A 116 -0.77 -26.98 -3.69
CA GLU A 116 -0.85 -26.59 -5.11
C GLU A 116 0.54 -26.30 -5.68
N PRO A 117 0.56 -26.60 -7.02
CA PRO A 117 1.75 -26.34 -7.73
C PRO A 117 2.22 -25.08 -7.23
N CYS A 118 3.44 -24.87 -7.48
CA CYS A 118 4.11 -23.69 -7.07
C CYS A 118 5.05 -23.49 -8.07
N PRO A 119 4.71 -22.42 -8.46
CA PRO A 119 4.46 -21.09 -9.06
C PRO A 119 2.96 -21.08 -9.32
N GLN A 120 2.10 -20.32 -8.66
CA GLN A 120 0.70 -20.20 -9.11
C GLN A 120 0.76 -18.85 -9.82
N PRO A 121 -0.03 -18.58 -10.88
CA PRO A 121 0.22 -17.27 -11.56
C PRO A 121 0.35 -16.03 -10.70
N GLN A 122 -0.71 -15.81 -9.95
CA GLN A 122 -0.77 -14.66 -9.05
C GLN A 122 0.47 -14.60 -8.20
N THR A 123 0.86 -15.76 -7.69
CA THR A 123 2.04 -15.86 -6.85
C THR A 123 3.29 -15.38 -7.60
N LYS A 124 3.49 -15.82 -8.86
CA LYS A 124 4.64 -15.37 -9.61
C LYS A 124 4.60 -13.87 -9.82
N GLU A 125 3.43 -13.37 -10.18
CA GLU A 125 3.24 -11.95 -10.42
C GLU A 125 3.56 -11.06 -9.23
N HIS A 126 3.24 -11.53 -8.02
CA HIS A 126 3.50 -10.72 -6.83
C HIS A 126 5.00 -10.62 -6.57
N LEU A 127 5.72 -11.68 -6.88
CA LEU A 127 7.17 -11.70 -6.68
C LEU A 127 7.82 -10.71 -7.64
N MET A 128 7.25 -10.60 -8.84
CA MET A 128 7.76 -9.68 -9.84
C MET A 128 7.59 -8.24 -9.36
N ALA A 129 6.50 -7.96 -8.65
CA ALA A 129 6.27 -6.61 -8.16
C ALA A 129 7.25 -6.34 -7.02
N LEU A 130 7.52 -7.36 -6.20
CA LEU A 130 8.47 -7.20 -5.11
C LEU A 130 9.86 -6.88 -5.68
N GLU A 131 10.23 -7.55 -6.76
CA GLU A 131 11.54 -7.32 -7.37
C GLU A 131 11.61 -5.95 -7.99
N ILE A 132 10.58 -5.60 -8.75
CA ILE A 132 10.52 -4.29 -9.38
C ILE A 132 10.63 -3.22 -8.31
N LEU A 133 10.03 -3.48 -7.16
CA LEU A 133 10.06 -2.54 -6.05
C LEU A 133 11.34 -2.59 -5.23
N GLY A 134 12.21 -3.55 -5.51
CA GLY A 134 13.45 -3.66 -4.76
C GLY A 134 13.23 -4.07 -3.31
N ILE A 135 12.08 -4.68 -3.02
CA ILE A 135 11.76 -5.13 -1.66
C ILE A 135 12.40 -6.48 -1.38
N ASP A 136 13.51 -6.46 -0.64
CA ASP A 136 14.23 -7.70 -0.33
C ASP A 136 14.02 -8.24 1.08
N LYS A 137 13.33 -7.51 1.95
CA LYS A 137 13.07 -8.02 3.30
C LYS A 137 11.84 -8.92 3.22
N ILE A 138 12.05 -10.14 2.74
CA ILE A 138 10.98 -11.10 2.56
C ILE A 138 10.98 -12.32 3.50
N ILE A 139 9.80 -12.74 3.89
CA ILE A 139 9.66 -13.93 4.70
C ILE A 139 8.71 -14.76 3.87
N ILE A 140 9.09 -16.01 3.60
CA ILE A 140 8.21 -16.88 2.83
C ILE A 140 7.55 -17.86 3.78
N VAL A 141 6.24 -18.03 3.62
CA VAL A 141 5.50 -18.95 4.46
C VAL A 141 4.88 -20.07 3.63
N GLN A 142 5.23 -21.30 3.98
CA GLN A 142 4.68 -22.47 3.29
C GLN A 142 3.49 -22.91 4.13
N ASN A 143 2.32 -22.40 3.79
CA ASN A 143 1.08 -22.68 4.52
C ASN A 143 0.48 -24.06 4.21
N LYS A 144 -0.45 -24.45 5.06
CA LYS A 144 -1.18 -25.72 4.92
C LYS A 144 -0.32 -26.99 4.86
N ILE A 145 0.82 -26.97 5.54
CA ILE A 145 1.69 -28.14 5.56
C ILE A 145 0.93 -29.31 6.21
N ASP A 146 -0.01 -28.97 7.10
CA ASP A 146 -0.81 -29.97 7.78
C ASP A 146 -1.45 -30.87 6.73
N LEU A 147 -2.03 -30.25 5.70
CA LEU A 147 -2.64 -31.01 4.63
C LEU A 147 -1.48 -31.70 3.93
N VAL A 148 -1.71 -32.35 2.79
CA VAL A 148 -0.63 -33.03 2.06
C VAL A 148 0.28 -33.92 2.94
N ASP A 149 1.06 -34.80 2.31
CA ASP A 149 1.96 -35.70 3.04
C ASP A 149 3.44 -35.29 2.93
N GLU A 150 4.33 -36.18 3.37
CA GLU A 150 5.78 -35.96 3.37
C GLU A 150 6.45 -35.86 2.01
N LYS A 151 5.83 -36.41 0.98
CA LYS A 151 6.42 -36.32 -0.34
C LYS A 151 5.86 -35.08 -1.00
N GLN A 152 4.54 -34.86 -0.86
CA GLN A 152 3.92 -33.67 -1.42
C GLN A 152 4.69 -32.48 -0.87
N ALA A 153 4.82 -32.41 0.46
CA ALA A 153 5.64 -31.37 1.06
C ALA A 153 7.00 -31.86 0.62
N GLU A 154 8.03 -31.05 0.67
CA GLU A 154 9.35 -31.52 0.25
C GLU A 154 9.45 -31.49 -1.27
N GLU A 155 8.32 -31.60 -1.94
CA GLU A 155 8.28 -31.51 -3.40
C GLU A 155 7.82 -30.07 -3.60
N ASN A 156 6.87 -29.67 -2.76
CA ASN A 156 6.35 -28.32 -2.79
C ASN A 156 7.50 -27.38 -2.36
N TYR A 157 8.25 -27.82 -1.36
CA TYR A 157 9.37 -27.06 -0.83
C TYR A 157 10.43 -26.82 -1.90
N GLU A 158 10.73 -27.84 -2.69
CA GLU A 158 11.73 -27.73 -3.73
C GLU A 158 11.24 -26.84 -4.86
N GLN A 159 9.93 -26.85 -5.09
CA GLN A 159 9.35 -26.00 -6.13
C GLN A 159 9.51 -24.55 -5.69
N ILE A 160 9.32 -24.30 -4.40
CA ILE A 160 9.46 -22.95 -3.84
C ILE A 160 10.90 -22.46 -4.01
N LYS A 161 11.87 -23.30 -3.65
CA LYS A 161 13.29 -22.95 -3.76
C LYS A 161 13.66 -22.71 -5.22
N GLU A 162 13.02 -23.42 -6.14
CA GLU A 162 13.28 -23.27 -7.57
C GLU A 162 12.70 -21.93 -8.03
N PHE A 163 11.42 -21.75 -7.73
CA PHE A 163 10.67 -20.56 -8.10
C PHE A 163 11.35 -19.27 -7.71
N VAL A 164 11.98 -19.26 -6.55
CA VAL A 164 12.63 -18.06 -6.05
C VAL A 164 14.10 -17.93 -6.43
N LYS A 165 14.66 -19.01 -6.94
CA LYS A 165 16.06 -18.97 -7.32
C LYS A 165 16.23 -17.94 -8.42
N GLY A 166 17.22 -17.07 -8.25
CA GLY A 166 17.47 -16.05 -9.23
C GLY A 166 16.65 -14.78 -9.01
N THR A 167 15.84 -14.74 -7.96
CA THR A 167 15.03 -13.57 -7.70
C THR A 167 15.50 -12.86 -6.43
N ILE A 168 14.84 -11.75 -6.11
CA ILE A 168 15.17 -10.94 -4.94
C ILE A 168 14.88 -11.68 -3.63
N ALA A 169 14.14 -12.78 -3.72
CA ALA A 169 13.78 -13.56 -2.54
C ALA A 169 14.52 -14.89 -2.46
N GLU A 170 15.59 -15.02 -3.22
CA GLU A 170 16.38 -16.25 -3.24
C GLU A 170 16.85 -16.65 -1.85
N ASN A 171 17.13 -15.68 -1.00
CA ASN A 171 17.62 -15.98 0.35
C ASN A 171 16.59 -15.81 1.45
N ALA A 172 15.31 -15.64 1.10
CA ALA A 172 14.27 -15.48 2.11
C ALA A 172 14.02 -16.77 2.90
N PRO A 173 13.76 -16.67 4.21
CA PRO A 173 13.50 -17.87 5.01
C PRO A 173 12.20 -18.55 4.59
N ILE A 174 12.21 -19.87 4.48
CA ILE A 174 11.02 -20.61 4.11
C ILE A 174 10.52 -21.20 5.42
N ILE A 175 9.34 -20.77 5.85
CA ILE A 175 8.76 -21.19 7.12
C ILE A 175 7.50 -22.02 6.97
N PRO A 176 7.56 -23.32 7.29
CA PRO A 176 6.37 -24.15 7.17
C PRO A 176 5.47 -23.84 8.35
N ILE A 177 4.24 -23.41 8.09
CA ILE A 177 3.30 -23.06 9.14
C ILE A 177 2.05 -23.92 9.03
N ASN A 184 1.81 -21.33 13.59
CA ASN A 184 2.18 -20.89 14.93
C ASN A 184 2.58 -19.41 14.97
N ILE A 185 1.88 -18.65 15.81
CA ILE A 185 2.09 -17.21 15.99
C ILE A 185 3.47 -16.83 16.54
N ASP A 186 4.01 -17.68 17.40
CA ASP A 186 5.31 -17.43 18.01
C ASP A 186 6.45 -17.38 17.00
N VAL A 187 6.49 -18.35 16.09
CA VAL A 187 7.54 -18.42 15.08
C VAL A 187 7.47 -17.26 14.08
N LEU A 188 6.26 -16.90 13.64
CA LEU A 188 6.10 -15.82 12.68
C LEU A 188 6.49 -14.46 13.26
N LEU A 189 6.06 -14.16 14.48
CA LEU A 189 6.38 -12.87 15.09
C LEU A 189 7.89 -12.70 15.24
N LYS A 190 8.54 -13.81 15.56
CA LYS A 190 9.99 -13.84 15.74
C LYS A 190 10.65 -13.48 14.42
N ALA A 191 10.23 -14.17 13.38
CA ALA A 191 10.76 -13.95 12.04
C ALA A 191 10.53 -12.53 11.53
N ILE A 192 9.37 -11.96 11.86
CA ILE A 192 9.07 -10.60 11.43
C ILE A 192 10.09 -9.66 12.06
N GLN A 193 10.41 -9.91 13.32
CA GLN A 193 11.38 -9.11 14.07
C GLN A 193 12.83 -9.30 13.59
N ASP A 194 13.17 -10.52 13.16
CA ASP A 194 14.52 -10.83 12.69
C ASP A 194 14.83 -10.43 11.24
N PHE A 195 13.86 -10.66 10.36
CA PHE A 195 14.04 -10.39 8.96
C PHE A 195 13.47 -9.11 8.36
N ILE A 196 12.67 -8.37 9.12
CA ILE A 196 12.10 -7.13 8.63
C ILE A 196 12.30 -6.02 9.67
N PRO A 197 13.55 -5.59 9.87
CA PRO A 197 13.86 -4.53 10.84
C PRO A 197 13.42 -3.16 10.36
N THR A 198 13.14 -2.27 11.30
CA THR A 198 12.74 -0.90 10.98
C THR A 198 13.89 -0.19 10.26
N PRO A 199 13.61 0.44 9.11
CA PRO A 199 14.69 1.12 8.39
C PRO A 199 15.07 2.47 9.00
N LYS A 200 16.29 2.91 8.71
CA LYS A 200 16.77 4.19 9.20
C LYS A 200 16.08 5.27 8.37
N ARG A 201 15.52 6.28 9.02
CA ARG A 201 14.84 7.36 8.31
C ARG A 201 15.41 8.71 8.75
N ASP A 202 15.30 9.73 7.89
CA ASP A 202 15.78 11.07 8.23
C ASP A 202 14.69 11.88 8.91
N PRO A 203 14.87 12.21 10.19
CA PRO A 203 13.91 12.96 11.01
C PRO A 203 13.55 14.33 10.43
N ASP A 204 14.44 14.86 9.60
CA ASP A 204 14.25 16.17 9.02
C ASP A 204 13.89 16.22 7.54
N ALA A 205 13.58 15.07 6.95
CA ALA A 205 13.20 15.09 5.54
C ALA A 205 11.92 15.92 5.41
N THR A 206 11.74 16.55 4.26
CA THR A 206 10.55 17.36 4.04
C THR A 206 9.29 16.50 4.20
N PRO A 207 8.43 16.86 5.17
CA PRO A 207 7.16 16.18 5.48
C PRO A 207 6.23 16.06 4.28
N ARG A 208 5.99 14.84 3.81
CA ARG A 208 5.08 14.65 2.69
C ARG A 208 4.13 13.50 3.04
N MET A 209 2.90 13.55 2.53
CA MET A 209 1.93 12.53 2.88
C MET A 209 0.89 12.21 1.79
N TYR A 210 0.56 10.93 1.65
CA TYR A 210 -0.45 10.48 0.70
C TYR A 210 -1.80 10.34 1.42
N VAL A 211 -2.87 10.83 0.81
CA VAL A 211 -4.17 10.68 1.43
C VAL A 211 -4.71 9.41 0.82
N ALA A 212 -4.78 8.36 1.64
CA ALA A 212 -5.29 7.09 1.16
C ALA A 212 -6.78 6.96 1.43
N ARG A 213 -7.25 7.69 2.45
CA ARG A 213 -8.66 7.68 2.83
C ARG A 213 -9.03 9.02 3.45
N SER A 214 -10.32 9.32 3.53
CA SER A 214 -10.83 10.54 4.16
C SER A 214 -12.25 10.22 4.62
N PHE A 215 -12.68 10.83 5.72
CA PHE A 215 -14.02 10.54 6.23
C PHE A 215 -14.72 11.68 6.94
N ASP A 216 -15.99 11.43 7.21
CA ASP A 216 -16.84 12.34 7.98
C ASP A 216 -17.21 11.44 9.14
N ILE A 217 -16.56 11.63 10.28
CA ILE A 217 -16.82 10.81 11.47
C ILE A 217 -18.05 11.21 12.29
N ASN A 218 -18.84 12.16 11.79
CA ASN A 218 -20.06 12.62 12.49
C ASN A 218 -21.23 11.68 12.16
N LYS A 219 -21.95 11.23 13.19
CA LYS A 219 -23.11 10.31 13.04
C LYS A 219 -24.32 11.08 12.52
N PRO A 220 -25.39 10.40 12.06
CA PRO A 220 -26.47 11.29 11.66
C PRO A 220 -26.70 12.43 12.67
N GLY A 221 -27.77 13.19 12.48
CA GLY A 221 -28.10 14.29 13.38
C GLY A 221 -27.25 14.60 14.60
N THR A 222 -26.17 15.34 14.36
CA THR A 222 -25.21 15.83 15.33
C THR A 222 -25.44 17.33 15.21
N GLU A 223 -25.42 18.07 16.32
CA GLU A 223 -25.65 19.52 16.25
C GLU A 223 -24.49 20.21 15.54
N ILE A 224 -24.78 21.30 14.84
CA ILE A 224 -23.76 22.05 14.11
C ILE A 224 -22.57 22.47 14.98
N LYS A 225 -22.84 22.91 16.21
CA LYS A 225 -21.78 23.32 17.11
C LYS A 225 -21.03 22.11 17.66
N ASP A 226 -21.52 20.91 17.35
CA ASP A 226 -20.86 19.70 17.83
C ASP A 226 -20.08 18.97 16.73
N LEU A 227 -20.16 19.50 15.50
CA LEU A 227 -19.48 18.94 14.33
C LEU A 227 -17.95 18.90 14.46
N LYS A 228 -17.32 17.87 13.91
CA LYS A 228 -15.86 17.74 13.95
C LYS A 228 -15.25 17.84 12.58
N GLY A 229 -14.06 18.43 12.51
CA GLY A 229 -13.35 18.58 11.24
C GLY A 229 -13.23 17.26 10.50
N GLY A 230 -13.22 17.35 9.17
CA GLY A 230 -13.07 16.14 8.39
C GLY A 230 -11.78 15.43 8.80
N VAL A 231 -11.77 14.11 8.65
CA VAL A 231 -10.61 13.31 9.01
C VAL A 231 -9.92 12.73 7.77
N LEU A 232 -8.59 12.73 7.78
CA LEU A 232 -7.79 12.18 6.69
C LEU A 232 -7.12 10.87 7.09
N GLY A 233 -7.04 9.94 6.15
CA GLY A 233 -6.36 8.68 6.36
C GLY A 233 -5.02 8.83 5.65
N GLY A 234 -4.00 9.23 6.41
CA GLY A 234 -2.69 9.44 5.82
C GLY A 234 -1.63 8.33 5.85
N ALA A 235 -0.94 8.18 4.73
CA ALA A 235 0.14 7.20 4.59
C ALA A 235 1.38 8.07 4.42
N ILE A 236 2.14 8.25 5.49
CA ILE A 236 3.31 9.12 5.43
C ILE A 236 4.50 8.57 4.65
N ILE A 237 4.87 9.32 3.62
CA ILE A 237 5.95 8.96 2.73
C ILE A 237 7.33 9.21 3.33
N GLN A 238 7.48 10.32 4.04
CA GLN A 238 8.76 10.67 4.65
C GLN A 238 8.55 11.84 5.62
N GLY A 239 9.49 12.07 6.53
CA GLY A 239 9.35 13.18 7.46
C GLY A 239 8.44 12.91 8.64
N VAL A 240 8.19 13.95 9.43
CA VAL A 240 7.35 13.85 10.64
C VAL A 240 6.26 14.93 10.66
N PHE A 241 5.01 14.56 10.90
CA PHE A 241 3.93 15.55 10.99
C PHE A 241 3.59 15.70 12.48
N LYS A 242 3.43 16.94 12.95
CA LYS A 242 3.11 17.16 14.36
C LYS A 242 1.73 17.78 14.50
N VAL A 243 1.06 17.51 15.61
CA VAL A 243 -0.26 18.11 15.82
C VAL A 243 -0.02 19.62 15.91
N GLY A 244 -0.91 20.40 15.29
CA GLY A 244 -0.76 21.83 15.29
C GLY A 244 -0.18 22.36 13.97
N ASP A 245 0.48 21.49 13.21
CA ASP A 245 1.05 21.90 11.93
C ASP A 245 -0.01 22.40 10.98
N GLU A 246 0.33 23.48 10.26
CA GLU A 246 -0.55 24.03 9.25
C GLU A 246 -0.14 23.21 8.03
N ILE A 247 -1.11 22.62 7.33
CA ILE A 247 -0.80 21.80 6.15
C ILE A 247 -1.52 22.25 4.88
N GLU A 248 -1.02 21.78 3.74
CA GLU A 248 -1.59 22.12 2.45
C GLU A 248 -1.95 20.83 1.70
N ILE A 249 -3.14 20.80 1.11
CA ILE A 249 -3.62 19.62 0.43
C ILE A 249 -3.58 19.66 -1.06
N ARG A 250 -2.51 19.16 -1.61
CA ARG A 250 -2.51 19.16 -3.04
C ARG A 250 -3.40 18.11 -3.61
N PRO A 251 -4.01 18.50 -4.69
CA PRO A 251 -4.71 18.89 -5.90
C PRO A 251 -5.78 19.89 -5.43
N GLY A 252 -6.32 19.70 -4.24
CA GLY A 252 -7.34 20.61 -3.75
C GLY A 252 -8.69 20.29 -4.36
N ILE A 253 -9.40 21.30 -4.85
CA ILE A 253 -10.69 21.06 -5.48
C ILE A 253 -10.94 22.04 -6.61
N LYS A 254 -11.89 21.72 -7.47
CA LYS A 254 -12.22 22.57 -8.61
C LYS A 254 -13.14 23.72 -8.18
N VAL A 255 -12.75 24.94 -8.54
CA VAL A 255 -13.53 26.12 -8.19
C VAL A 255 -13.70 27.02 -9.41
N THR A 256 -14.77 27.80 -9.41
CA THR A 256 -15.04 28.71 -10.52
C THR A 256 -15.16 30.16 -10.06
N GLU A 257 -14.04 30.86 -10.05
CA GLU A 257 -14.02 32.25 -9.64
C GLU A 257 -13.86 33.15 -10.86
N GLY A 258 -14.72 34.16 -10.98
CA GLY A 258 -14.65 35.05 -12.11
C GLY A 258 -14.91 34.30 -13.39
N ASN A 259 -13.93 34.28 -14.29
CA ASN A 259 -14.05 33.58 -15.56
C ASN A 259 -12.99 32.50 -15.66
N LYS A 260 -12.73 31.82 -14.55
CA LYS A 260 -11.70 30.80 -14.53
C LYS A 260 -12.10 29.34 -14.41
N THR A 261 -11.84 28.78 -13.23
CA THR A 261 -12.09 27.37 -12.93
C THR A 261 -10.72 26.72 -12.99
N PHE A 262 -9.97 26.86 -11.93
CA PHE A 262 -8.67 26.26 -11.87
C PHE A 262 -8.89 25.35 -10.68
N TRP A 263 -7.81 24.73 -10.22
CA TRP A 263 -7.85 23.85 -9.07
C TRP A 263 -7.27 24.60 -7.88
N LYS A 264 -8.04 24.70 -6.81
CA LYS A 264 -7.59 25.42 -5.64
C LYS A 264 -7.20 24.52 -4.47
N PRO A 265 -6.01 24.74 -3.93
CA PRO A 265 -5.45 23.98 -2.80
C PRO A 265 -6.25 24.19 -1.51
N LEU A 266 -6.31 23.16 -0.69
CA LEU A 266 -7.01 23.25 0.59
C LEU A 266 -5.95 23.44 1.68
N THR A 267 -6.17 24.43 2.53
CA THR A 267 -5.27 24.72 3.64
C THR A 267 -6.07 24.44 4.90
N THR A 268 -5.46 23.75 5.85
CA THR A 268 -6.14 23.43 7.11
C THR A 268 -5.07 23.21 8.17
N LYS A 269 -5.48 22.74 9.34
CA LYS A 269 -4.54 22.51 10.43
C LYS A 269 -4.71 21.11 11.01
N ILE A 270 -3.59 20.49 11.41
CA ILE A 270 -3.66 19.16 12.02
C ILE A 270 -4.21 19.32 13.45
N VAL A 271 -5.41 18.80 13.67
CA VAL A 271 -6.04 18.89 15.00
C VAL A 271 -5.72 17.69 15.87
N SER A 272 -5.39 16.56 15.23
CA SER A 272 -5.04 15.34 15.96
C SER A 272 -4.40 14.26 15.09
N LEU A 273 -3.71 13.34 15.74
CA LEU A 273 -3.05 12.24 15.05
C LEU A 273 -3.25 10.97 15.83
N ALA A 274 -3.43 9.88 15.11
CA ALA A 274 -3.63 8.61 15.77
C ALA A 274 -3.20 7.42 14.94
N ALA A 275 -2.68 6.41 15.61
CA ALA A 275 -2.28 5.18 14.95
C ALA A 275 -3.34 4.21 15.46
N GLY A 276 -4.40 4.04 14.68
CA GLY A 276 -5.49 3.18 15.12
C GLY A 276 -6.12 3.92 16.29
N ASN A 277 -6.21 3.29 17.44
CA ASN A 277 -6.77 3.96 18.59
C ASN A 277 -5.71 4.50 19.55
N THR A 278 -4.47 4.56 19.09
CA THR A 278 -3.37 5.08 19.89
C THR A 278 -3.19 6.56 19.52
N ILE A 279 -3.32 7.43 20.52
CA ILE A 279 -3.14 8.87 20.30
C ILE A 279 -1.67 9.22 20.09
N LEU A 280 -1.39 10.14 19.19
CA LEU A 280 -0.02 10.55 18.92
C LEU A 280 0.11 12.08 18.91
N ARG A 281 1.34 12.56 19.06
CA ARG A 281 1.64 14.00 19.01
C ARG A 281 2.43 14.20 17.72
N LYS A 282 3.13 13.15 17.33
CA LYS A 282 3.95 13.11 16.11
C LYS A 282 3.47 11.90 15.32
N ALA A 283 3.86 11.85 14.06
CA ALA A 283 3.51 10.74 13.18
C ALA A 283 4.53 10.68 12.06
N HIS A 284 5.06 9.48 11.82
CA HIS A 284 6.05 9.30 10.76
C HIS A 284 5.63 8.13 9.86
N PRO A 285 6.45 7.78 8.86
CA PRO A 285 6.09 6.67 7.98
C PRO A 285 5.79 5.38 8.77
N GLY A 286 4.74 4.66 8.36
CA GLY A 286 4.39 3.44 9.05
C GLY A 286 2.92 3.35 9.39
N GLY A 287 2.21 2.47 8.70
CA GLY A 287 0.81 2.29 8.98
C GLY A 287 -0.03 3.44 8.44
N LEU A 288 -1.34 3.39 8.70
CA LEU A 288 -2.24 4.42 8.28
C LEU A 288 -2.47 5.35 9.48
N ILE A 289 -2.28 6.65 9.28
CA ILE A 289 -2.46 7.62 10.37
C ILE A 289 -3.76 8.42 10.25
N GLY A 290 -4.57 8.39 11.29
CA GLY A 290 -5.81 9.15 11.29
C GLY A 290 -5.46 10.59 11.58
N VAL A 291 -5.66 11.47 10.60
CA VAL A 291 -5.36 12.89 10.75
C VAL A 291 -6.61 13.75 10.88
N GLY A 292 -6.84 14.25 12.08
CA GLY A 292 -7.98 15.13 12.33
C GLY A 292 -7.64 16.54 11.83
N THR A 293 -8.54 17.15 11.06
CA THR A 293 -8.27 18.47 10.52
C THR A 293 -9.36 19.48 10.87
N THR A 294 -9.22 20.66 10.26
CA THR A 294 -10.14 21.77 10.43
C THR A 294 -11.16 21.85 9.29
N LEU A 295 -10.94 21.07 8.25
CA LEU A 295 -11.79 21.03 7.06
C LEU A 295 -13.23 20.65 7.37
N ASP A 296 -14.17 21.31 6.69
CA ASP A 296 -15.59 21.01 6.88
C ASP A 296 -15.79 19.59 6.36
N PRO A 297 -16.55 18.77 7.10
CA PRO A 297 -16.87 17.37 6.80
C PRO A 297 -17.25 17.02 5.35
N TYR A 298 -17.94 17.93 4.67
CA TYR A 298 -18.39 17.66 3.30
C TYR A 298 -17.26 17.46 2.29
N LEU A 299 -16.09 18.00 2.59
CA LEU A 299 -14.93 17.89 1.71
C LEU A 299 -14.21 16.56 1.85
N THR A 300 -14.47 15.83 2.93
CA THR A 300 -13.79 14.57 3.15
C THR A 300 -14.64 13.32 3.09
N LYS A 301 -15.96 13.47 3.25
CA LYS A 301 -16.88 12.34 3.26
C LYS A 301 -16.61 11.31 2.16
N SER A 302 -16.75 10.04 2.52
CA SER A 302 -16.57 8.93 1.58
C SER A 302 -15.33 9.00 0.67
N ASP A 303 -14.17 9.24 1.25
CA ASP A 303 -12.93 9.31 0.51
C ASP A 303 -12.92 10.33 -0.64
N ALA A 304 -13.63 11.43 -0.47
CA ALA A 304 -13.70 12.42 -1.48
C ALA A 304 -12.31 12.86 -1.92
N LEU A 305 -11.40 13.03 -0.99
CA LEU A 305 -10.08 13.51 -1.34
C LEU A 305 -9.06 12.39 -1.53
N THR A 306 -9.38 11.18 -2.02
CA THR A 306 -8.36 10.10 -2.12
C THR A 306 -7.35 10.30 -3.29
N GLY A 307 -6.01 10.20 -3.04
CA GLY A 307 -5.09 10.44 -4.13
C GLY A 307 -4.40 11.79 -3.98
N SER A 308 -4.79 12.55 -2.97
CA SER A 308 -4.20 13.86 -2.70
C SER A 308 -2.86 13.72 -2.01
N VAL A 309 -2.10 14.82 -2.02
CA VAL A 309 -0.78 14.87 -1.39
C VAL A 309 -0.78 15.98 -0.36
N VAL A 310 -0.27 15.67 0.84
CA VAL A 310 -0.23 16.62 1.95
C VAL A 310 1.20 16.97 2.34
N GLY A 311 1.40 18.24 2.69
CA GLY A 311 2.72 18.70 3.08
C GLY A 311 2.63 20.06 3.71
N LEU A 312 3.76 20.58 4.19
CA LEU A 312 3.80 21.90 4.80
C LEU A 312 3.61 22.97 3.71
N PRO A 313 2.89 24.06 4.02
CA PRO A 313 2.64 25.13 3.04
C PRO A 313 3.83 25.49 2.16
N GLY A 314 3.62 25.41 0.84
CA GLY A 314 4.67 25.77 -0.09
C GLY A 314 5.72 24.71 -0.39
N THR A 315 5.67 23.57 0.29
CA THR A 315 6.66 22.52 0.08
C THR A 315 6.22 21.37 -0.81
N LEU A 316 4.99 21.41 -1.28
CA LEU A 316 4.44 20.34 -2.12
C LEU A 316 4.94 20.31 -3.55
N PRO A 317 5.03 19.10 -4.14
CA PRO A 317 5.50 18.95 -5.52
C PRO A 317 4.51 19.64 -6.45
N PRO A 318 4.93 19.99 -7.67
CA PRO A 318 4.08 20.67 -8.66
C PRO A 318 2.83 19.93 -9.14
N ILE A 319 1.84 20.68 -9.60
CA ILE A 319 0.61 20.10 -10.09
C ILE A 319 0.70 19.87 -11.59
N ARG A 320 0.45 18.63 -11.99
CA ARG A 320 0.55 18.27 -13.39
C ARG A 320 -0.75 17.81 -13.97
N GLU A 321 -1.06 18.33 -15.16
CA GLU A 321 -2.27 17.97 -15.88
C GLU A 321 -1.89 17.14 -17.11
N LYS A 322 -0.59 17.01 -17.32
CA LYS A 322 -0.03 16.24 -18.43
C LYS A 322 1.30 15.72 -17.93
N ILE A 323 1.76 14.58 -18.45
CA ILE A 323 3.03 14.03 -18.00
C ILE A 323 3.75 13.19 -19.04
N THR A 324 5.05 13.01 -18.84
CA THR A 324 5.82 12.15 -19.74
C THR A 324 6.38 11.03 -18.86
N ILE A 325 6.15 9.79 -19.26
CA ILE A 325 6.63 8.66 -18.48
C ILE A 325 7.49 7.68 -19.24
N ARG A 326 8.21 6.87 -18.48
CA ARG A 326 9.03 5.82 -19.05
C ARG A 326 8.23 4.61 -18.58
N ALA A 327 7.81 3.77 -19.53
CA ALA A 327 6.98 2.62 -19.23
C ALA A 327 7.58 1.28 -19.61
N ASN A 328 7.32 0.29 -18.77
CA ASN A 328 7.78 -1.07 -19.02
C ASN A 328 6.54 -1.94 -19.14
N LEU A 329 6.55 -2.87 -20.10
CA LEU A 329 5.42 -3.77 -20.25
C LEU A 329 5.64 -4.92 -19.29
N LEU A 330 4.59 -5.28 -18.56
CA LEU A 330 4.65 -6.37 -17.59
C LEU A 330 4.50 -7.70 -18.32
N ASP A 331 5.34 -8.68 -17.97
CA ASP A 331 5.30 -10.00 -18.61
C ASP A 331 4.35 -10.90 -17.84
N ARG A 332 3.07 -10.52 -17.81
CA ARG A 332 2.01 -11.19 -17.06
C ARG A 332 1.78 -12.66 -17.46
N VAL A 333 1.24 -13.44 -16.47
CA VAL A 333 0.90 -14.85 -16.64
C VAL A 333 -0.50 -15.10 -16.15
N VAL A 334 -1.10 -14.06 -15.55
CA VAL A 334 -2.47 -14.15 -15.07
C VAL A 334 -3.42 -13.55 -16.09
N GLY A 335 -4.34 -14.38 -16.57
CA GLY A 335 -5.31 -13.93 -17.54
C GLY A 335 -5.47 -15.02 -18.58
N THR A 336 -6.39 -14.82 -19.50
CA THR A 336 -6.59 -15.83 -20.51
C THR A 336 -5.54 -15.61 -21.56
N LYS A 337 -5.93 -15.93 -22.78
CA LYS A 337 -5.05 -15.81 -23.90
C LYS A 337 -5.40 -14.57 -24.67
N GLU A 338 -4.40 -14.09 -25.39
CA GLU A 338 -4.55 -12.87 -26.15
C GLU A 338 -4.62 -11.79 -25.08
N GLU A 339 -5.28 -12.10 -23.97
CA GLU A 339 -5.39 -11.17 -22.86
C GLU A 339 -4.01 -11.15 -22.21
N LEU A 340 -3.23 -12.18 -22.50
CA LEU A 340 -1.88 -12.31 -21.96
C LEU A 340 -0.86 -11.72 -22.94
N LYS A 341 -1.35 -11.24 -24.08
CA LYS A 341 -0.46 -10.67 -25.08
C LYS A 341 0.31 -9.47 -24.53
N ILE A 342 1.43 -9.17 -25.16
CA ILE A 342 2.25 -8.02 -24.76
C ILE A 342 2.11 -6.96 -25.85
N GLU A 343 1.41 -5.87 -25.53
CA GLU A 343 1.18 -4.79 -26.48
C GLU A 343 1.76 -3.46 -26.02
N PRO A 344 2.59 -2.82 -26.87
CA PRO A 344 3.23 -1.54 -26.59
C PRO A 344 2.24 -0.39 -26.57
N LEU A 345 2.58 0.68 -25.87
CA LEU A 345 1.70 1.84 -25.80
C LEU A 345 1.65 2.52 -27.16
N ARG A 346 0.46 2.99 -27.54
CA ARG A 346 0.27 3.67 -28.81
C ARG A 346 -0.42 5.02 -28.65
N THR A 347 -0.07 5.94 -29.54
CA THR A 347 -0.65 7.28 -29.57
C THR A 347 -2.17 7.21 -29.72
N GLY A 348 -2.89 7.99 -28.90
CA GLY A 348 -4.34 8.01 -28.97
C GLY A 348 -5.01 7.02 -28.03
N GLU A 349 -4.21 6.17 -27.40
CA GLU A 349 -4.75 5.20 -26.47
C GLU A 349 -5.25 5.91 -25.21
N VAL A 350 -6.30 5.36 -24.62
CA VAL A 350 -6.87 5.89 -23.39
C VAL A 350 -6.47 4.90 -22.32
N LEU A 351 -5.79 5.38 -21.30
CA LEU A 351 -5.32 4.56 -20.20
C LEU A 351 -5.91 4.98 -18.84
N MET A 352 -5.74 4.09 -17.86
CA MET A 352 -6.19 4.33 -16.50
C MET A 352 -4.88 4.29 -15.68
N LEU A 353 -4.56 5.39 -15.01
CA LEU A 353 -3.31 5.44 -14.26
C LEU A 353 -3.47 5.58 -12.75
N ASN A 354 -2.52 4.98 -12.02
CA ASN A 354 -2.45 5.06 -10.55
C ASN A 354 -1.04 5.62 -10.30
N ILE A 355 -0.98 6.73 -9.58
CA ILE A 355 0.30 7.33 -9.26
C ILE A 355 0.09 7.80 -7.83
N GLY A 356 0.86 7.23 -6.91
CA GLY A 356 0.65 7.58 -5.51
C GLY A 356 -0.67 6.89 -5.19
N THR A 357 -1.53 7.54 -4.43
CA THR A 357 -2.83 6.96 -4.12
C THR A 357 -3.90 7.56 -5.01
N ALA A 358 -3.45 8.26 -6.05
CA ALA A 358 -4.34 8.92 -7.00
C ALA A 358 -4.67 8.01 -8.20
N THR A 359 -5.87 8.19 -8.74
CA THR A 359 -6.31 7.41 -9.89
C THR A 359 -6.96 8.32 -10.92
N THR A 360 -6.46 8.28 -12.16
CA THR A 360 -7.02 9.15 -13.20
C THR A 360 -6.86 8.62 -14.63
N ALA A 361 -7.89 8.86 -15.44
CA ALA A 361 -7.88 8.44 -16.82
C ALA A 361 -6.91 9.35 -17.54
N GLY A 362 -6.54 8.97 -18.75
CA GLY A 362 -5.64 9.78 -19.54
C GLY A 362 -5.56 9.26 -20.96
N VAL A 363 -5.09 10.10 -21.87
CA VAL A 363 -4.96 9.69 -23.25
C VAL A 363 -3.54 10.02 -23.72
N ILE A 364 -2.95 9.12 -24.49
CA ILE A 364 -1.59 9.29 -24.99
C ILE A 364 -1.54 10.24 -26.17
N THR A 365 -0.78 11.33 -26.03
CA THR A 365 -0.65 12.27 -27.14
C THR A 365 0.62 11.99 -27.94
N SER A 366 1.42 11.04 -27.49
CA SER A 366 2.64 10.67 -28.20
C SER A 366 3.45 9.50 -27.61
N ALA A 367 3.45 8.39 -28.33
CA ALA A 367 4.18 7.20 -27.92
C ALA A 367 5.45 7.14 -28.75
N ARG A 368 6.59 7.17 -28.05
CA ARG A 368 7.89 7.14 -28.70
C ARG A 368 8.72 6.06 -28.00
N GLY A 369 8.44 4.81 -28.34
CA GLY A 369 9.16 3.71 -27.73
C GLY A 369 8.64 3.49 -26.32
N ASP A 370 9.55 3.40 -25.36
CA ASP A 370 9.15 3.18 -23.97
C ASP A 370 8.82 4.52 -23.30
N ILE A 371 8.63 5.57 -24.11
CA ILE A 371 8.30 6.88 -23.58
C ILE A 371 6.97 7.38 -24.13
N ALA A 372 6.17 8.01 -23.28
CA ALA A 372 4.87 8.50 -23.72
C ALA A 372 4.45 9.78 -23.02
N ASP A 373 3.84 10.69 -23.79
CA ASP A 373 3.35 11.92 -23.21
C ASP A 373 1.88 11.60 -22.99
N ILE A 374 1.41 11.84 -21.78
CA ILE A 374 0.02 11.52 -21.46
C ILE A 374 -0.69 12.71 -20.86
N LYS A 375 -1.88 12.98 -21.38
CA LYS A 375 -2.70 14.10 -20.92
C LYS A 375 -3.71 13.52 -19.94
N LEU A 376 -3.70 14.01 -18.71
CA LEU A 376 -4.59 13.46 -17.70
C LEU A 376 -5.93 14.16 -17.62
N LYS A 377 -6.95 13.39 -17.25
CA LYS A 377 -8.29 13.93 -17.10
C LYS A 377 -8.38 14.67 -15.76
N LEU A 378 -7.61 14.21 -14.78
CA LEU A 378 -7.58 14.81 -13.46
C LEU A 378 -6.17 15.23 -13.04
N PRO A 379 -6.02 16.43 -12.44
CA PRO A 379 -4.72 16.93 -12.00
C PRO A 379 -4.07 16.01 -10.99
N ILE A 380 -2.74 16.02 -10.95
CA ILE A 380 -1.99 15.18 -10.04
C ILE A 380 -0.85 15.94 -9.35
N CYS A 381 -0.57 15.59 -8.11
CA CYS A 381 0.54 16.23 -7.38
C CYS A 381 1.62 15.18 -7.28
N ALA A 382 2.69 15.35 -8.04
CA ALA A 382 3.77 14.37 -8.05
C ALA A 382 5.14 14.94 -8.40
N GLU A 383 6.16 14.23 -7.94
CA GLU A 383 7.55 14.60 -8.18
C GLU A 383 8.08 13.84 -9.37
N ILE A 384 9.04 14.42 -10.06
CA ILE A 384 9.66 13.74 -11.18
C ILE A 384 10.34 12.54 -10.53
N GLY A 385 10.12 11.36 -11.08
CA GLY A 385 10.69 10.16 -10.52
C GLY A 385 9.65 9.31 -9.80
N ASP A 386 8.44 9.84 -9.64
CA ASP A 386 7.38 9.12 -8.97
C ASP A 386 6.90 7.94 -9.83
N ARG A 387 6.44 6.88 -9.16
CA ARG A 387 5.98 5.68 -9.83
C ARG A 387 4.58 5.79 -10.45
N VAL A 388 4.34 4.98 -11.49
CA VAL A 388 3.06 4.96 -12.19
C VAL A 388 2.64 3.53 -12.55
N ALA A 389 1.38 3.21 -12.27
CA ALA A 389 0.84 1.90 -12.62
C ALA A 389 -0.03 2.15 -13.84
N ILE A 390 0.11 1.31 -14.86
CA ILE A 390 -0.63 1.48 -16.12
C ILE A 390 -1.61 0.37 -16.50
N SER A 391 -2.85 0.76 -16.81
CA SER A 391 -3.90 -0.19 -17.19
C SER A 391 -4.60 0.23 -18.48
N ARG A 392 -5.22 -0.74 -19.15
CA ARG A 392 -5.95 -0.48 -20.38
C ARG A 392 -7.21 -1.37 -20.41
N ARG A 393 -8.26 -0.91 -21.08
CA ARG A 393 -9.49 -1.71 -21.15
C ARG A 393 -9.22 -2.92 -22.04
N VAL A 394 -8.90 -4.05 -21.41
CA VAL A 394 -8.59 -5.28 -22.13
C VAL A 394 -9.83 -6.06 -22.52
N GLY A 395 -10.99 -5.41 -22.46
CA GLY A 395 -12.22 -6.08 -22.83
C GLY A 395 -13.44 -5.41 -22.24
N SER A 396 -13.95 -5.97 -21.17
CA SER A 396 -15.12 -5.40 -20.50
C SER A 396 -14.68 -4.88 -19.14
N ARG A 397 -13.37 -4.92 -18.90
CA ARG A 397 -12.83 -4.46 -17.64
C ARG A 397 -11.44 -3.85 -17.83
N TRP A 398 -10.92 -3.21 -16.79
CA TRP A 398 -9.60 -2.63 -16.88
C TRP A 398 -8.59 -3.68 -16.44
N ARG A 399 -7.45 -3.69 -17.11
CA ARG A 399 -6.38 -4.65 -16.83
C ARG A 399 -5.03 -3.94 -16.74
N LEU A 400 -4.26 -4.29 -15.71
CA LEU A 400 -2.92 -3.71 -15.53
C LEU A 400 -1.98 -4.28 -16.57
N ILE A 401 -1.41 -3.42 -17.40
CA ILE A 401 -0.49 -3.92 -18.42
C ILE A 401 0.96 -3.49 -18.23
N GLY A 402 1.19 -2.48 -17.41
CA GLY A 402 2.55 -2.02 -17.22
C GLY A 402 2.77 -1.11 -16.03
N TYR A 403 4.00 -0.64 -15.89
CA TYR A 403 4.40 0.23 -14.80
C TYR A 403 5.53 1.12 -15.31
N GLY A 404 5.83 2.19 -14.57
CA GLY A 404 6.89 3.09 -14.98
C GLY A 404 7.13 4.24 -14.01
N THR A 405 7.77 5.28 -14.53
CA THR A 405 8.10 6.45 -13.75
C THR A 405 7.88 7.74 -14.54
N ILE A 406 7.70 8.85 -13.82
CA ILE A 406 7.50 10.14 -14.45
C ILE A 406 8.87 10.78 -14.65
N GLU A 407 9.19 11.09 -15.91
CA GLU A 407 10.48 11.70 -16.26
C GLU A 407 10.31 13.09 -16.86
N GLY A 408 9.07 13.55 -16.94
CA GLY A 408 8.82 14.87 -17.49
C GLY A 408 7.40 15.39 -17.30
#